data_3INO
#
_entry.id   3INO
#
_cell.length_a   62.735
_cell.length_b   35.851
_cell.length_c   129.090
_cell.angle_alpha   90.000
_cell.angle_beta   99.290
_cell.angle_gamma   90.000
#
_symmetry.space_group_name_H-M   'C 1 2 1'
#
loop_
_entity.id
_entity.type
_entity.pdbx_description
1 polymer 'Protective antigen PA-63'
2 water water
#
_entity_poly.entity_id   1
_entity_poly.type   'polypeptide(L)'
_entity_poly.pdbx_seq_one_letter_code
;GSRFHYDRNNIAVGADESVVKEAHREVINSSTEGLLLNIDKDIRKILSGYIVEIEDTEGLKEVINDRYDMLNISSLRQDG
KTFIDFKKYNDKLPLYISNPNYKVNVYAVTKENTIINPSENGDTSTNGIKKILIFSKKGYEIG
;
_entity_poly.pdbx_strand_id   A,B
#
# COMPACT_ATOMS: atom_id res chain seq x y z
N GLY A 1 -26.26 -15.01 -2.75
CA GLY A 1 -25.19 -14.01 -3.18
C GLY A 1 -23.82 -14.48 -2.73
N SER A 2 -22.86 -13.57 -2.72
CA SER A 2 -21.50 -13.94 -2.42
C SER A 2 -21.01 -13.38 -1.06
N ARG A 3 -20.43 -14.20 -0.22
CA ARG A 3 -19.92 -13.73 1.08
C ARG A 3 -18.86 -12.60 0.96
N PHE A 4 -17.94 -12.78 -0.01
CA PHE A 4 -16.89 -11.82 -0.22
C PHE A 4 -17.06 -11.05 -1.51
N HIS A 5 -16.34 -9.94 -1.57
CA HIS A 5 -16.18 -9.15 -2.83
C HIS A 5 -14.81 -9.56 -3.41
N TYR A 6 -14.71 -9.71 -4.74
CA TYR A 6 -13.55 -10.33 -5.39
C TYR A 6 -12.91 -9.32 -6.32
N ASP A 7 -11.59 -9.33 -6.46
CA ASP A 7 -10.92 -8.35 -7.37
C ASP A 7 -10.83 -8.92 -8.80
N ARG A 8 -10.04 -8.28 -9.67
CA ARG A 8 -10.02 -8.62 -11.08
C ARG A 8 -9.32 -9.96 -11.22
N ASN A 9 -8.62 -10.43 -10.19
CA ASN A 9 -8.00 -11.78 -10.24
C ASN A 9 -8.84 -12.86 -9.51
N ASN A 10 -10.08 -12.54 -9.18
CA ASN A 10 -10.96 -13.45 -8.44
CA ASN A 10 -10.95 -13.44 -8.44
C ASN A 10 -10.34 -13.80 -7.09
N ILE A 11 -9.64 -12.83 -6.51
CA ILE A 11 -9.13 -12.93 -5.12
C ILE A 11 -10.04 -12.09 -4.21
N ALA A 12 -10.47 -12.66 -3.09
CA ALA A 12 -11.31 -11.94 -2.10
C ALA A 12 -10.52 -10.74 -1.49
N VAL A 13 -11.13 -9.55 -1.51
CA VAL A 13 -10.49 -8.34 -1.09
C VAL A 13 -11.43 -7.46 -0.21
N GLY A 14 -12.62 -7.96 0.10
CA GLY A 14 -13.59 -7.20 0.84
C GLY A 14 -14.78 -8.03 1.16
N ALA A 15 -15.75 -7.39 1.83
CA ALA A 15 -17.04 -8.02 2.12
C ALA A 15 -17.96 -6.97 2.65
N ASP A 16 -19.26 -7.24 2.61
CA ASP A 16 -20.24 -6.36 3.20
C ASP A 16 -19.94 -6.15 4.68
N GLU A 17 -20.34 -4.98 5.21
CA GLU A 17 -20.07 -4.67 6.62
C GLU A 17 -20.61 -5.74 7.56
N SER A 18 -21.78 -6.32 7.26
CA SER A 18 -22.37 -7.33 8.18
C SER A 18 -21.46 -8.54 8.38
N VAL A 19 -20.86 -8.99 7.30
CA VAL A 19 -19.93 -10.12 7.36
C VAL A 19 -18.69 -9.83 8.20
N VAL A 20 -18.07 -8.68 7.96
CA VAL A 20 -16.90 -8.31 8.73
C VAL A 20 -17.22 -8.15 10.23
N LYS A 21 -18.33 -7.47 10.55
CA LYS A 21 -18.64 -7.21 11.95
C LYS A 21 -18.91 -8.51 12.65
N GLU A 22 -19.74 -9.34 11.99
CA GLU A 22 -20.04 -10.63 12.56
C GLU A 22 -18.76 -11.46 12.85
N ALA A 23 -17.76 -11.41 11.97
CA ALA A 23 -16.52 -12.15 12.16
C ALA A 23 -15.67 -11.62 13.34
N HIS A 24 -15.93 -10.41 13.83
CA HIS A 24 -15.24 -9.92 15.03
C HIS A 24 -16.08 -9.88 16.29
N ARG A 25 -17.25 -10.50 16.28
CA ARG A 25 -18.27 -10.16 17.28
C ARG A 25 -17.84 -10.71 18.65
N GLU A 26 -17.12 -11.80 18.64
CA GLU A 26 -16.83 -12.45 19.86
C GLU A 26 -15.38 -12.14 20.33
N VAL A 27 -15.27 -11.35 21.35
CA VAL A 27 -13.94 -10.90 21.82
C VAL A 27 -13.63 -11.63 23.10
N ILE A 28 -12.45 -12.20 23.16
CA ILE A 28 -11.97 -13.00 24.29
CA ILE A 28 -12.06 -13.00 24.31
C ILE A 28 -11.56 -12.11 25.48
N ASN A 29 -10.83 -11.04 25.17
CA ASN A 29 -10.32 -10.08 26.17
C ASN A 29 -10.23 -8.67 25.54
N SER A 30 -10.82 -7.69 26.19
CA SER A 30 -10.64 -6.29 25.82
CA SER A 30 -10.71 -6.28 25.82
C SER A 30 -9.97 -5.58 26.97
N SER A 31 -8.83 -4.93 26.68
CA SER A 31 -8.11 -4.09 27.65
C SER A 31 -7.57 -2.84 26.98
N THR A 32 -6.96 -1.97 27.78
CA THR A 32 -6.38 -0.75 27.23
C THR A 32 -5.12 -1.09 26.39
N GLU A 33 -4.64 -2.33 26.44
CA GLU A 33 -3.46 -2.70 25.63
C GLU A 33 -3.94 -3.24 24.27
N GLY A 34 -5.20 -3.62 24.18
CA GLY A 34 -5.79 -4.05 22.90
C GLY A 34 -6.82 -5.18 23.05
N LEU A 35 -7.09 -5.87 21.96
CA LEU A 35 -8.12 -6.89 21.87
C LEU A 35 -7.59 -8.25 21.43
N LEU A 36 -8.05 -9.26 22.14
CA LEU A 36 -7.75 -10.62 21.86
C LEU A 36 -9.02 -11.31 21.40
N LEU A 37 -8.96 -11.95 20.21
CA LEU A 37 -10.11 -12.61 19.66
C LEU A 37 -9.74 -13.62 18.56
N ASN A 38 -10.67 -14.49 18.19
CA ASN A 38 -10.43 -15.44 17.11
C ASN A 38 -11.03 -14.84 15.87
N ILE A 39 -10.24 -14.71 14.83
CA ILE A 39 -10.80 -14.33 13.52
C ILE A 39 -10.46 -15.35 12.45
N ASP A 40 -11.47 -15.76 11.68
CA ASP A 40 -11.37 -16.76 10.57
C ASP A 40 -10.26 -16.30 9.62
N LYS A 41 -9.38 -17.23 9.21
CA LYS A 41 -8.32 -16.89 8.27
C LYS A 41 -8.83 -16.24 7.01
N ASP A 42 -10.03 -16.54 6.58
CA ASP A 42 -10.46 -16.04 5.31
C ASP A 42 -10.90 -14.60 5.44
N ILE A 43 -11.29 -14.21 6.65
CA ILE A 43 -11.59 -12.84 6.95
C ILE A 43 -10.27 -12.08 7.11
N ARG A 44 -9.31 -12.66 7.83
CA ARG A 44 -8.03 -11.99 7.98
C ARG A 44 -7.40 -11.60 6.71
N LYS A 45 -7.58 -12.47 5.71
CA LYS A 45 -7.01 -12.30 4.39
CA LYS A 45 -7.00 -12.28 4.39
C LYS A 45 -7.63 -11.12 3.63
N ILE A 46 -8.84 -10.69 4.00
CA ILE A 46 -9.44 -9.56 3.25
C ILE A 46 -9.22 -8.21 3.94
N LEU A 47 -8.45 -8.23 5.00
CA LEU A 47 -8.19 -6.99 5.78
C LEU A 47 -6.81 -6.44 5.67
N SER A 48 -6.74 -5.13 5.54
CA SER A 48 -5.44 -4.45 5.56
CA SER A 48 -5.46 -4.43 5.56
C SER A 48 -4.99 -4.12 6.97
N GLY A 49 -5.91 -4.16 7.92
CA GLY A 49 -5.61 -3.74 9.28
C GLY A 49 -6.77 -3.01 9.98
N TYR A 50 -6.47 -2.23 11.02
CA TYR A 50 -7.45 -1.69 11.91
C TYR A 50 -7.04 -0.26 12.35
N ILE A 51 -8.03 0.55 12.60
CA ILE A 51 -7.86 1.92 13.05
C ILE A 51 -8.51 1.96 14.46
N VAL A 52 -7.77 2.52 15.41
CA VAL A 52 -8.21 2.59 16.81
C VAL A 52 -8.47 4.06 17.15
N GLU A 53 -9.60 4.29 17.80
CA GLU A 53 -10.09 5.64 18.00
C GLU A 53 -10.71 5.81 19.39
N ILE A 54 -10.45 6.93 20.05
CA ILE A 54 -11.09 7.22 21.32
C ILE A 54 -12.13 8.32 21.07
N GLU A 55 -13.29 8.14 21.67
CA GLU A 55 -14.45 8.99 21.37
C GLU A 55 -15.02 9.44 22.68
N ASP A 56 -15.04 10.74 22.88
CA ASP A 56 -15.57 11.26 24.12
C ASP A 56 -17.06 11.38 24.10
N THR A 57 -17.60 11.74 25.26
CA THR A 57 -19.07 11.78 25.48
C THR A 57 -19.75 12.74 24.53
N GLU A 58 -19.02 13.77 24.14
CA GLU A 58 -19.53 14.73 23.19
C GLU A 58 -19.39 14.30 21.70
N GLY A 59 -18.91 13.08 21.44
CA GLY A 59 -18.76 12.64 20.07
C GLY A 59 -17.46 13.11 19.43
N LEU A 60 -16.57 13.76 20.16
CA LEU A 60 -15.31 14.15 19.54
C LEU A 60 -14.36 12.94 19.50
N LYS A 61 -13.77 12.69 18.35
CA LYS A 61 -12.99 11.50 18.10
C LYS A 61 -11.52 11.74 17.97
N GLU A 62 -10.70 10.83 18.50
CA GLU A 62 -9.24 10.90 18.32
C GLU A 62 -8.71 9.57 17.77
N VAL A 63 -8.17 9.55 16.55
CA VAL A 63 -7.56 8.34 16.00
C VAL A 63 -6.16 8.25 16.53
N ILE A 64 -5.82 7.08 17.07
CA ILE A 64 -4.55 6.87 17.65
C ILE A 64 -3.51 6.62 16.55
N ASN A 65 -3.80 5.70 15.61
CA ASN A 65 -2.87 5.32 14.55
C ASN A 65 -3.32 5.89 13.26
N ASP A 66 -3.00 7.14 13.05
CA ASP A 66 -3.77 7.92 12.10
C ASP A 66 -3.25 7.84 10.60
N ARG A 67 -2.14 7.15 10.41
CA ARG A 67 -1.51 7.11 9.08
C ARG A 67 -1.86 5.86 8.22
N TYR A 68 -1.84 6.03 6.90
CA TYR A 68 -2.10 4.96 5.94
C TYR A 68 -1.16 3.78 6.14
N ASP A 69 0.01 4.02 6.75
CA ASP A 69 1.02 3.01 6.94
C ASP A 69 1.10 2.52 8.40
N MET A 70 0.07 2.82 9.19
CA MET A 70 -0.03 2.36 10.58
CA MET A 70 0.02 2.32 10.56
C MET A 70 -1.28 1.48 10.83
N LEU A 71 -1.84 0.88 9.81
CA LEU A 71 -2.97 -0.03 9.99
C LEU A 71 -2.55 -1.40 10.55
N ASN A 72 -1.27 -1.73 10.40
CA ASN A 72 -0.69 -3.08 10.71
C ASN A 72 -0.49 -3.33 12.20
N ILE A 73 -1.57 -3.38 12.99
CA ILE A 73 -1.50 -3.54 14.42
C ILE A 73 -2.03 -4.93 14.87
N SER A 74 -2.35 -5.81 13.93
CA SER A 74 -2.86 -7.13 14.30
C SER A 74 -1.84 -8.20 14.02
N SER A 75 -1.81 -9.23 14.86
CA SER A 75 -0.91 -10.34 14.68
C SER A 75 -1.50 -11.55 15.32
N LEU A 76 -1.01 -12.71 14.90
CA LEU A 76 -1.42 -13.98 15.46
C LEU A 76 -0.54 -14.33 16.66
N ARG A 77 -1.08 -14.62 17.83
CA ARG A 77 -0.13 -14.99 18.93
C ARG A 77 0.09 -16.50 18.99
N GLN A 78 0.82 -16.98 20.00
CA GLN A 78 1.29 -18.32 19.96
C GLN A 78 0.13 -19.31 19.75
N ASP A 79 -1.02 -19.05 20.38
CA ASP A 79 -2.16 -19.94 20.27
C ASP A 79 -3.13 -19.72 19.10
N GLY A 80 -2.73 -18.94 18.09
CA GLY A 80 -3.55 -18.76 16.93
C GLY A 80 -4.60 -17.65 17.05
N LYS A 81 -4.78 -17.11 18.23
CA LYS A 81 -5.65 -15.98 18.39
C LYS A 81 -5.05 -14.73 17.76
N THR A 82 -5.90 -13.80 17.36
CA THR A 82 -5.46 -12.48 16.85
C THR A 82 -5.37 -11.54 18.04
N PHE A 83 -4.30 -10.77 18.10
CA PHE A 83 -4.19 -9.65 19.06
C PHE A 83 -4.07 -8.36 18.27
N ILE A 84 -5.01 -7.45 18.53
CA ILE A 84 -5.00 -6.13 17.93
C ILE A 84 -4.36 -5.27 18.98
N ASP A 85 -3.18 -4.73 18.62
CA ASP A 85 -2.25 -4.06 19.57
C ASP A 85 -2.49 -2.57 19.58
N PHE A 86 -3.09 -2.13 20.67
CA PHE A 86 -3.35 -0.63 20.88
C PHE A 86 -2.05 0.23 21.20
N LYS A 87 -1.03 -0.38 21.78
CA LYS A 87 0.23 0.27 22.14
C LYS A 87 1.17 0.58 20.97
N LYS A 88 1.14 -0.25 19.93
CA LYS A 88 2.10 -0.26 18.86
C LYS A 88 2.29 1.18 18.32
N TYR A 89 1.21 1.86 17.96
CA TYR A 89 1.34 3.26 17.52
C TYR A 89 0.78 4.25 18.48
N ASN A 90 0.88 3.93 19.76
CA ASN A 90 0.47 4.83 20.80
C ASN A 90 1.64 5.14 21.66
N ASP A 91 2.81 5.28 21.04
CA ASP A 91 4.00 5.63 21.83
C ASP A 91 4.36 4.51 22.77
N LYS A 92 4.00 3.28 22.35
CA LYS A 92 4.20 2.04 23.07
C LYS A 92 3.53 2.02 24.47
N LEU A 93 2.38 2.69 24.67
CA LEU A 93 1.71 2.64 25.95
C LEU A 93 0.28 2.24 25.79
N PRO A 94 -0.32 1.74 26.84
CA PRO A 94 -1.73 1.45 26.67
C PRO A 94 -2.57 2.70 26.49
N LEU A 95 -3.77 2.53 25.97
CA LEU A 95 -4.66 3.68 25.82
C LEU A 95 -4.98 4.33 27.17
N TYR A 96 -4.97 5.65 27.17
CA TYR A 96 -5.40 6.34 28.35
C TYR A 96 -6.83 6.85 28.06
N ILE A 97 -7.77 6.30 28.83
CA ILE A 97 -9.17 6.67 28.77
C ILE A 97 -9.44 7.62 29.95
N SER A 98 -9.58 8.91 29.65
CA SER A 98 -9.66 9.92 30.71
CA SER A 98 -9.71 9.97 30.67
C SER A 98 -10.91 9.75 31.58
N ASN A 99 -11.99 9.16 31.05
CA ASN A 99 -13.28 9.13 31.74
C ASN A 99 -13.92 7.78 31.36
N PRO A 100 -14.51 7.07 32.31
CA PRO A 100 -14.94 5.70 31.98
C PRO A 100 -16.15 5.59 31.02
N ASN A 101 -16.77 6.73 30.76
CA ASN A 101 -17.84 6.83 29.81
C ASN A 101 -17.35 7.07 28.37
N TYR A 102 -16.09 7.40 28.19
CA TYR A 102 -15.47 7.60 26.85
C TYR A 102 -15.39 6.23 26.12
N LYS A 103 -15.44 6.22 24.79
CA LYS A 103 -15.43 4.92 24.10
C LYS A 103 -14.11 4.64 23.44
N VAL A 104 -13.78 3.37 23.32
CA VAL A 104 -12.77 2.96 22.38
C VAL A 104 -13.47 2.31 21.19
N ASN A 105 -13.26 2.86 19.97
CA ASN A 105 -13.81 2.27 18.77
C ASN A 105 -12.70 1.66 17.95
N VAL A 106 -12.91 0.45 17.46
CA VAL A 106 -11.95 -0.13 16.53
C VAL A 106 -12.66 -0.50 15.20
N TYR A 107 -12.05 -0.05 14.11
CA TYR A 107 -12.56 -0.22 12.77
C TYR A 107 -11.62 -1.12 11.99
N ALA A 108 -12.18 -1.97 11.19
CA ALA A 108 -11.43 -2.76 10.25
C ALA A 108 -11.40 -2.07 8.88
N VAL A 109 -10.28 -2.30 8.18
CA VAL A 109 -10.14 -1.74 6.84
C VAL A 109 -9.90 -2.93 5.87
N THR A 110 -10.76 -3.06 4.89
CA THR A 110 -10.59 -4.12 3.91
C THR A 110 -9.60 -3.73 2.83
N LYS A 111 -8.99 -4.74 2.25
CA LYS A 111 -8.02 -4.53 1.20
C LYS A 111 -8.55 -3.69 0.08
N GLU A 112 -9.80 -3.84 -0.34
CA GLU A 112 -10.32 -3.02 -1.47
C GLU A 112 -10.53 -1.58 -1.12
N ASN A 113 -10.45 -1.27 0.16
CA ASN A 113 -10.66 0.08 0.62
C ASN A 113 -9.42 0.72 1.20
N THR A 114 -8.29 0.05 1.11
CA THR A 114 -7.13 0.49 1.77
C THR A 114 -6.46 1.53 0.94
N ILE A 115 -5.65 2.35 1.63
CA ILE A 115 -4.86 3.33 0.96
C ILE A 115 -3.43 2.86 0.90
N ILE A 116 -3.04 2.48 -0.31
CA ILE A 116 -1.79 1.84 -0.66
C ILE A 116 -0.60 2.81 -0.68
N ASN A 117 -0.82 3.99 -1.25
CA ASN A 117 0.10 5.11 -1.28
C ASN A 117 -0.59 6.45 -0.97
N PRO A 118 0.16 7.39 -0.42
CA PRO A 118 -0.46 8.67 -0.12
C PRO A 118 -1.06 9.32 -1.40
N SER A 119 -2.05 10.20 -1.30
CA SER A 119 -2.60 10.93 -2.46
C SER A 119 -1.53 11.78 -3.20
N GLU A 120 -1.81 12.22 -4.41
CA GLU A 120 -0.97 13.24 -5.03
C GLU A 120 -0.90 14.56 -4.22
N ASN A 121 -1.90 14.84 -3.40
CA ASN A 121 -1.83 16.03 -2.51
C ASN A 121 -0.78 15.82 -1.37
N GLY A 122 -0.32 14.58 -1.21
CA GLY A 122 0.70 14.21 -0.16
C GLY A 122 0.11 13.87 1.23
N ASP A 123 -1.22 13.75 1.31
CA ASP A 123 -1.96 13.38 2.52
C ASP A 123 -1.66 11.90 2.94
N THR A 124 -1.10 11.72 4.14
CA THR A 124 -0.76 10.36 4.66
C THR A 124 -1.81 9.89 5.69
N SER A 125 -2.86 10.66 5.89
CA SER A 125 -3.92 10.21 6.84
C SER A 125 -4.97 9.21 6.34
N THR A 126 -5.60 8.63 7.35
CA THR A 126 -6.71 7.65 7.28
C THR A 126 -8.04 8.36 7.32
N ASN A 127 -8.04 9.65 7.62
CA ASN A 127 -9.27 10.45 7.51
C ASN A 127 -10.01 10.10 6.21
N GLY A 128 -11.27 9.83 6.19
CA GLY A 128 -11.78 9.58 4.83
C GLY A 128 -11.60 8.19 4.22
N ILE A 129 -10.63 7.36 4.70
CA ILE A 129 -10.57 5.89 4.38
C ILE A 129 -11.93 5.31 4.65
N LYS A 130 -12.39 4.39 3.81
CA LYS A 130 -13.60 3.73 4.17
C LYS A 130 -13.28 2.59 5.17
N LYS A 131 -14.03 2.51 6.26
CA LYS A 131 -13.69 1.57 7.32
C LYS A 131 -14.93 0.98 7.98
N ILE A 132 -14.82 -0.06 8.79
CA ILE A 132 -15.97 -0.77 9.36
C ILE A 132 -15.85 -0.92 10.87
N LEU A 133 -16.82 -0.39 11.58
CA LEU A 133 -16.73 -0.41 13.05
C LEU A 133 -16.93 -1.86 13.50
N ILE A 134 -15.91 -2.43 14.11
CA ILE A 134 -16.04 -3.82 14.62
C ILE A 134 -16.01 -4.01 16.11
N PHE A 135 -15.67 -2.92 16.85
CA PHE A 135 -15.65 -2.93 18.31
C PHE A 135 -15.95 -1.53 18.80
N SER A 136 -16.86 -1.41 19.75
CA SER A 136 -17.17 -0.10 20.38
C SER A 136 -17.64 -0.30 21.82
N LYS A 137 -16.75 0.03 22.75
CA LYS A 137 -17.05 -0.16 24.16
C LYS A 137 -16.61 1.05 24.99
N LYS A 138 -17.39 1.32 26.02
CA LYS A 138 -17.00 2.37 26.99
C LYS A 138 -15.87 1.84 27.89
N GLY A 139 -15.06 2.76 28.42
CA GLY A 139 -14.08 2.52 29.49
C GLY A 139 -14.53 1.53 30.55
N TYR A 140 -15.75 1.62 31.04
CA TYR A 140 -16.08 0.72 32.11
C TYR A 140 -16.43 -0.67 31.59
N GLU A 141 -16.51 -0.81 30.25
CA GLU A 141 -16.76 -2.10 29.59
C GLU A 141 -15.47 -2.79 29.11
N ILE A 142 -14.32 -2.22 29.46
CA ILE A 142 -13.03 -2.60 28.96
C ILE A 142 -12.20 -2.94 30.13
N GLY A 143 -11.48 -4.05 30.03
CA GLY A 143 -10.53 -4.42 31.03
C GLY A 143 -9.38 -3.46 30.89
N GLY B 1 35.77 -3.07 -14.54
CA GLY B 1 34.98 -2.05 -15.30
C GLY B 1 34.34 -1.19 -14.25
N SER B 2 33.53 -0.23 -14.66
CA SER B 2 32.90 0.61 -13.66
C SER B 2 31.39 0.40 -13.65
N ARG B 3 30.80 0.45 -12.46
CA ARG B 3 29.36 0.22 -12.30
C ARG B 3 28.57 1.24 -13.09
N PHE B 4 29.05 2.47 -13.15
CA PHE B 4 28.28 3.54 -13.80
C PHE B 4 28.95 4.04 -15.07
N HIS B 5 28.16 4.69 -15.93
CA HIS B 5 28.65 5.52 -17.03
C HIS B 5 28.76 6.95 -16.61
N TYR B 6 29.92 7.55 -16.91
CA TYR B 6 30.23 8.91 -16.56
C TYR B 6 30.32 9.75 -17.84
N ASP B 7 29.91 10.99 -17.75
CA ASP B 7 30.12 11.91 -18.82
C ASP B 7 31.45 12.61 -18.67
N ARG B 8 31.68 13.55 -19.60
CA ARG B 8 33.02 14.14 -19.77
C ARG B 8 33.43 15.00 -18.59
N ASN B 9 32.50 15.34 -17.68
CA ASN B 9 32.89 15.92 -16.39
C ASN B 9 32.80 14.96 -15.22
N ASN B 10 32.83 13.67 -15.49
CA ASN B 10 32.79 12.69 -14.43
C ASN B 10 31.54 12.75 -13.55
N ILE B 11 30.41 13.10 -14.17
CA ILE B 11 29.13 12.98 -13.54
C ILE B 11 28.52 11.69 -14.04
N ALA B 12 27.98 10.92 -13.12
CA ALA B 12 27.40 9.64 -13.43
C ALA B 12 26.07 9.88 -14.17
N VAL B 13 25.91 9.30 -15.37
CA VAL B 13 24.72 9.56 -16.17
C VAL B 13 24.05 8.33 -16.71
N GLY B 14 24.53 7.17 -16.32
CA GLY B 14 23.98 5.93 -16.80
C GLY B 14 24.69 4.74 -16.19
N ALA B 15 24.36 3.54 -16.70
CA ALA B 15 24.94 2.29 -16.29
C ALA B 15 24.52 1.20 -17.23
N ASP B 16 25.32 0.13 -17.33
CA ASP B 16 24.92 -1.04 -18.06
C ASP B 16 23.61 -1.62 -17.57
N GLU B 17 22.89 -2.30 -18.47
CA GLU B 17 21.54 -2.74 -18.18
C GLU B 17 21.56 -3.58 -16.88
N SER B 18 22.56 -4.46 -16.76
CA SER B 18 22.52 -5.50 -15.72
C SER B 18 22.56 -4.82 -14.38
N VAL B 19 23.28 -3.71 -14.34
CA VAL B 19 23.35 -2.96 -13.09
C VAL B 19 22.02 -2.31 -12.68
N VAL B 20 21.37 -1.74 -13.67
CA VAL B 20 20.12 -1.04 -13.37
C VAL B 20 19.05 -2.10 -12.99
N LYS B 21 19.02 -3.18 -13.77
CA LYS B 21 18.12 -4.30 -13.53
C LYS B 21 18.27 -4.81 -12.10
N GLU B 22 19.50 -5.14 -11.69
CA GLU B 22 19.73 -5.65 -10.32
C GLU B 22 19.26 -4.66 -9.23
N ALA B 23 19.40 -3.34 -9.44
CA ALA B 23 19.00 -2.33 -8.45
C ALA B 23 17.48 -2.24 -8.19
N HIS B 24 16.69 -2.80 -9.11
CA HIS B 24 15.26 -2.74 -8.98
C HIS B 24 14.68 -4.10 -8.65
N ARG B 25 15.52 -5.03 -8.23
CA ARG B 25 15.07 -6.41 -8.07
C ARG B 25 14.24 -6.57 -6.81
N GLU B 26 14.39 -5.70 -5.84
CA GLU B 26 13.60 -5.85 -4.62
C GLU B 26 12.30 -5.04 -4.63
N VAL B 27 11.21 -5.65 -5.06
CA VAL B 27 9.91 -5.01 -4.94
C VAL B 27 9.18 -5.32 -3.63
N ILE B 28 8.88 -4.31 -2.82
CA ILE B 28 8.10 -4.49 -1.56
C ILE B 28 6.61 -4.74 -1.86
N ASN B 29 6.09 -3.97 -2.81
CA ASN B 29 4.72 -4.11 -3.16
C ASN B 29 4.51 -3.73 -4.64
N SER B 30 3.69 -4.51 -5.34
CA SER B 30 3.18 -4.12 -6.64
C SER B 30 1.65 -4.14 -6.66
N SER B 31 1.08 -3.19 -7.39
CA SER B 31 -0.34 -3.13 -7.62
C SER B 31 -0.56 -2.34 -8.90
N THR B 32 -1.82 -2.19 -9.27
CA THR B 32 -2.14 -1.41 -10.42
C THR B 32 -1.97 0.07 -10.11
N GLU B 33 -1.61 0.46 -8.88
CA GLU B 33 -1.35 1.86 -8.62
C GLU B 33 0.15 2.12 -8.85
N GLY B 34 0.96 1.08 -8.73
CA GLY B 34 2.38 1.29 -8.91
C GLY B 34 3.23 0.34 -8.15
N LEU B 35 4.52 0.70 -8.08
CA LEU B 35 5.51 -0.18 -7.44
C LEU B 35 6.17 0.53 -6.25
N LEU B 36 6.29 -0.25 -5.18
CA LEU B 36 7.02 0.18 -4.02
C LEU B 36 8.30 -0.66 -3.86
N LEU B 37 9.44 0.01 -3.83
CA LEU B 37 10.73 -0.67 -3.67
C LEU B 37 11.82 0.20 -3.07
N ASN B 38 12.87 -0.43 -2.52
CA ASN B 38 14.03 0.32 -2.06
C ASN B 38 14.95 0.48 -3.23
N ILE B 39 15.21 1.70 -3.65
CA ILE B 39 16.25 1.98 -4.66
C ILE B 39 17.41 2.84 -4.11
N ASP B 40 18.65 2.37 -4.26
CA ASP B 40 19.90 3.07 -3.85
C ASP B 40 19.90 4.47 -4.40
N LYS B 41 20.17 5.46 -3.56
CA LYS B 41 20.29 6.83 -4.03
C LYS B 41 21.16 7.04 -5.25
N ASP B 42 22.25 6.32 -5.35
CA ASP B 42 23.18 6.53 -6.45
C ASP B 42 22.59 6.02 -7.77
N ILE B 43 21.73 5.00 -7.69
CA ILE B 43 20.93 4.60 -8.86
C ILE B 43 19.84 5.67 -9.23
N ARG B 44 19.09 6.13 -8.24
CA ARG B 44 18.11 7.18 -8.46
C ARG B 44 18.70 8.39 -9.20
N LYS B 45 19.91 8.74 -8.85
CA LYS B 45 20.61 9.89 -9.48
C LYS B 45 21.02 9.73 -10.94
N ILE B 46 21.12 8.51 -11.43
CA ILE B 46 21.42 8.36 -12.84
C ILE B 46 20.16 8.20 -13.75
N LEU B 47 18.94 8.32 -13.20
CA LEU B 47 17.73 8.06 -13.98
C LEU B 47 16.90 9.33 -14.22
N SER B 48 16.34 9.49 -15.43
CA SER B 48 15.43 10.60 -15.66
CA SER B 48 15.41 10.59 -15.70
C SER B 48 14.00 10.20 -15.27
N GLY B 49 13.74 8.89 -15.14
CA GLY B 49 12.45 8.40 -14.79
C GLY B 49 12.19 7.03 -15.33
N TYR B 50 10.90 6.79 -15.55
CA TYR B 50 10.36 5.48 -15.82
C TYR B 50 9.26 5.53 -16.87
N ILE B 51 9.27 4.50 -17.73
CA ILE B 51 8.18 4.27 -18.69
C ILE B 51 7.33 3.06 -18.27
N VAL B 52 6.02 3.27 -18.22
CA VAL B 52 5.04 2.29 -17.87
C VAL B 52 4.21 1.84 -19.10
N GLU B 53 4.17 0.52 -19.34
CA GLU B 53 3.62 -0.06 -20.55
C GLU B 53 2.78 -1.32 -20.24
N ILE B 54 1.58 -1.38 -20.81
CA ILE B 54 0.75 -2.58 -20.68
C ILE B 54 0.92 -3.35 -21.97
N GLU B 55 1.13 -4.64 -21.86
CA GLU B 55 1.32 -5.45 -23.04
C GLU B 55 0.26 -6.59 -23.10
N ASP B 56 -0.46 -6.71 -24.20
CA ASP B 56 -1.53 -7.72 -24.24
C ASP B 56 -0.98 -9.07 -24.66
N THR B 57 -1.88 -10.04 -24.77
CA THR B 57 -1.47 -11.41 -25.03
C THR B 57 -1.06 -11.60 -26.50
N GLU B 58 -1.30 -10.58 -27.33
CA GLU B 58 -0.85 -10.63 -28.71
C GLU B 58 0.45 -9.85 -28.84
N GLY B 59 1.03 -9.40 -27.72
CA GLY B 59 2.28 -8.64 -27.84
C GLY B 59 2.11 -7.20 -28.27
N LEU B 60 0.90 -6.67 -28.24
CA LEU B 60 0.72 -5.31 -28.55
C LEU B 60 0.94 -4.46 -27.30
N LYS B 61 1.71 -3.37 -27.41
CA LYS B 61 2.04 -2.52 -26.29
C LYS B 61 1.40 -1.12 -26.30
N GLU B 62 1.07 -0.70 -25.06
CA GLU B 62 0.58 0.62 -24.80
C GLU B 62 1.36 1.30 -23.66
N VAL B 63 2.06 2.37 -24.02
CA VAL B 63 2.75 3.20 -23.03
C VAL B 63 1.76 4.15 -22.43
N ILE B 64 1.69 4.15 -21.11
CA ILE B 64 0.71 4.91 -20.38
C ILE B 64 1.20 6.38 -20.30
N ASN B 65 2.45 6.56 -19.87
CA ASN B 65 3.10 7.89 -19.82
C ASN B 65 4.03 8.20 -21.03
N ASP B 66 3.40 8.47 -22.16
CA ASP B 66 4.07 8.35 -23.46
C ASP B 66 4.69 9.64 -24.06
N ARG B 67 5.09 10.58 -23.19
CA ARG B 67 5.85 11.73 -23.65
C ARG B 67 7.11 11.96 -22.86
N TYR B 68 8.09 12.57 -23.52
CA TYR B 68 9.42 12.71 -22.99
C TYR B 68 9.38 13.47 -21.69
N ASP B 69 8.37 14.26 -21.44
CA ASP B 69 8.33 14.97 -20.19
C ASP B 69 7.37 14.35 -19.18
N MET B 70 6.98 13.10 -19.37
CA MET B 70 6.15 12.44 -18.38
CA MET B 70 6.13 12.44 -18.38
C MET B 70 6.89 11.26 -17.75
N LEU B 71 8.21 11.33 -17.77
CA LEU B 71 8.99 10.25 -17.20
C LEU B 71 9.14 10.34 -15.69
N ASN B 72 8.86 11.49 -15.11
CA ASN B 72 9.09 11.71 -13.67
C ASN B 72 7.95 11.15 -12.85
N ILE B 73 7.91 9.84 -12.61
CA ILE B 73 6.74 9.22 -11.95
C ILE B 73 7.10 8.52 -10.67
N SER B 74 8.32 8.71 -10.24
CA SER B 74 8.75 8.14 -8.98
C SER B 74 8.97 9.24 -7.98
N SER B 75 8.77 8.93 -6.70
CA SER B 75 9.07 9.84 -5.60
C SER B 75 9.45 9.02 -4.35
N LEU B 76 9.83 9.71 -3.28
CA LEU B 76 10.31 9.03 -2.10
C LEU B 76 9.25 9.23 -1.02
N ARG B 77 8.93 8.15 -0.30
CA ARG B 77 8.14 8.23 0.92
C ARG B 77 8.95 8.86 2.01
N GLN B 78 8.30 9.13 3.12
CA GLN B 78 8.98 9.80 4.20
C GLN B 78 10.09 8.91 4.74
N ASP B 79 9.93 7.60 4.55
CA ASP B 79 10.87 6.62 5.08
C ASP B 79 11.93 6.24 4.09
N GLY B 80 12.01 6.91 2.96
CA GLY B 80 13.13 6.64 2.05
C GLY B 80 12.87 5.69 0.89
N LYS B 81 11.75 4.96 0.96
CA LYS B 81 11.37 4.02 -0.09
C LYS B 81 10.86 4.73 -1.34
N THR B 82 11.03 4.10 -2.50
CA THR B 82 10.61 4.66 -3.78
C THR B 82 9.24 4.14 -4.25
N PHE B 83 8.34 5.06 -4.63
CA PHE B 83 7.06 4.67 -5.24
C PHE B 83 7.05 5.16 -6.67
N ILE B 84 6.95 4.22 -7.58
CA ILE B 84 6.84 4.51 -9.00
C ILE B 84 5.32 4.48 -9.29
N ASP B 85 4.77 5.64 -9.62
CA ASP B 85 3.36 5.88 -9.57
C ASP B 85 2.71 5.72 -10.95
N PHE B 86 2.00 4.61 -11.15
CA PHE B 86 1.29 4.39 -12.41
C PHE B 86 0.16 5.40 -12.65
N LYS B 87 -0.36 6.00 -11.60
CA LYS B 87 -1.56 6.82 -11.71
C LYS B 87 -1.27 8.23 -12.22
N LYS B 88 -0.11 8.75 -11.89
CA LYS B 88 0.19 10.15 -12.12
C LYS B 88 -0.17 10.59 -13.54
N TYR B 89 0.23 9.82 -14.55
CA TYR B 89 -0.04 10.22 -15.96
C TYR B 89 -1.07 9.28 -16.61
N ASN B 90 -1.90 8.66 -15.76
CA ASN B 90 -3.03 7.80 -16.18
C ASN B 90 -4.34 8.39 -15.64
N ASP B 91 -4.49 9.69 -15.85
CA ASP B 91 -5.67 10.43 -15.46
C ASP B 91 -5.96 10.18 -13.99
N LYS B 92 -4.88 10.12 -13.20
CA LYS B 92 -4.88 9.81 -11.76
C LYS B 92 -5.69 8.57 -11.38
N LEU B 93 -5.79 7.61 -12.30
CA LEU B 93 -6.43 6.33 -12.07
C LEU B 93 -5.44 5.18 -12.06
N PRO B 94 -5.72 4.16 -11.22
CA PRO B 94 -4.93 2.94 -11.29
C PRO B 94 -4.94 2.40 -12.72
N LEU B 95 -3.90 1.66 -13.11
CA LEU B 95 -3.96 0.87 -14.35
C LEU B 95 -5.18 -0.08 -14.44
N TYR B 96 -5.85 -0.09 -15.58
CA TYR B 96 -6.89 -1.07 -15.87
C TYR B 96 -6.27 -2.24 -16.63
N ILE B 97 -6.27 -3.41 -16.01
CA ILE B 97 -5.69 -4.60 -16.61
C ILE B 97 -6.85 -5.52 -17.02
N SER B 98 -7.12 -5.60 -18.31
CA SER B 98 -8.38 -6.15 -18.72
C SER B 98 -8.50 -7.67 -18.69
N ASN B 99 -7.35 -8.35 -18.57
CA ASN B 99 -7.16 -9.80 -18.68
C ASN B 99 -5.90 -10.09 -17.83
N PRO B 100 -5.97 -11.07 -16.92
CA PRO B 100 -4.87 -11.32 -15.96
C PRO B 100 -3.64 -11.81 -16.64
N ASN B 101 -3.76 -12.13 -17.92
CA ASN B 101 -2.58 -12.49 -18.67
C ASN B 101 -1.86 -11.31 -19.36
N TYR B 102 -2.46 -10.15 -19.35
CA TYR B 102 -1.75 -8.96 -19.80
C TYR B 102 -0.56 -8.75 -18.89
N LYS B 103 0.45 -8.07 -19.41
CA LYS B 103 1.64 -7.74 -18.65
C LYS B 103 1.75 -6.24 -18.35
N VAL B 104 2.32 -5.95 -17.20
CA VAL B 104 2.76 -4.61 -16.89
C VAL B 104 4.27 -4.61 -16.93
N ASN B 105 4.80 -3.81 -17.85
CA ASN B 105 6.24 -3.66 -18.01
C ASN B 105 6.64 -2.27 -17.53
N VAL B 106 7.66 -2.17 -16.69
CA VAL B 106 8.19 -0.88 -16.29
C VAL B 106 9.64 -0.81 -16.68
N TYR B 107 10.01 0.30 -17.31
CA TYR B 107 11.35 0.48 -17.81
C TYR B 107 12.00 1.74 -17.18
N ALA B 108 13.28 1.65 -16.90
CA ALA B 108 14.03 2.75 -16.34
C ALA B 108 14.72 3.46 -17.47
N VAL B 109 14.72 4.78 -17.40
CA VAL B 109 15.42 5.60 -18.36
C VAL B 109 16.55 6.35 -17.69
N THR B 110 17.77 6.09 -18.20
CA THR B 110 18.94 6.72 -17.65
C THR B 110 19.10 8.13 -18.26
N LYS B 111 19.69 9.05 -17.49
CA LYS B 111 19.98 10.40 -18.01
C LYS B 111 20.71 10.50 -19.34
N GLU B 112 21.71 9.67 -19.60
CA GLU B 112 22.38 9.66 -20.91
C GLU B 112 21.50 9.14 -22.03
N ASN B 113 20.33 8.65 -21.70
CA ASN B 113 19.42 8.21 -22.74
C ASN B 113 18.23 9.14 -22.85
N THR B 114 18.32 10.29 -22.21
CA THR B 114 17.26 11.29 -22.28
C THR B 114 17.82 12.56 -22.89
N THR B 124 7.60 14.30 -29.50
CA THR B 124 7.36 14.34 -28.08
C THR B 124 7.31 12.95 -27.43
N SER B 125 7.23 11.88 -28.23
CA SER B 125 6.95 10.55 -27.67
C SER B 125 8.13 9.76 -27.06
N THR B 126 7.83 8.65 -26.37
CA THR B 126 8.85 7.85 -25.70
C THR B 126 9.39 6.79 -26.60
N ASN B 127 8.77 6.63 -27.75
CA ASN B 127 9.26 5.67 -28.73
C ASN B 127 10.63 6.13 -29.11
N GLY B 128 11.55 5.22 -29.33
CA GLY B 128 12.88 5.77 -29.68
C GLY B 128 13.67 6.11 -28.43
N ILE B 129 13.02 6.16 -27.27
CA ILE B 129 13.82 6.25 -26.04
C ILE B 129 14.50 4.91 -25.69
N LYS B 130 15.80 4.93 -25.48
CA LYS B 130 16.46 3.69 -25.07
C LYS B 130 16.18 3.51 -23.57
N LYS B 131 15.72 2.32 -23.25
CA LYS B 131 15.23 2.10 -21.90
C LYS B 131 15.52 0.69 -21.41
N ILE B 132 15.42 0.49 -20.11
CA ILE B 132 15.89 -0.77 -19.47
C ILE B 132 14.70 -1.41 -18.77
N LEU B 133 14.27 -2.58 -19.21
CA LEU B 133 13.17 -3.26 -18.53
C LEU B 133 13.56 -3.64 -17.06
N ILE B 134 12.84 -3.10 -16.09
CA ILE B 134 13.21 -3.35 -14.68
C ILE B 134 12.13 -4.10 -13.87
N PHE B 135 10.96 -4.30 -14.45
CA PHE B 135 9.87 -5.03 -13.79
C PHE B 135 8.97 -5.54 -14.91
N SER B 136 8.59 -6.80 -14.87
CA SER B 136 7.63 -7.33 -15.86
C SER B 136 6.83 -8.46 -15.21
N LYS B 137 5.55 -8.23 -14.96
CA LYS B 137 4.70 -9.24 -14.37
C LYS B 137 3.34 -9.26 -15.03
N LYS B 138 2.73 -10.43 -15.05
CA LYS B 138 1.37 -10.53 -15.49
C LYS B 138 0.37 -10.01 -14.44
N GLY B 139 -0.78 -9.57 -14.91
CA GLY B 139 -1.88 -9.12 -14.06
C GLY B 139 -2.17 -10.04 -12.88
N TYR B 140 -2.24 -11.36 -13.12
CA TYR B 140 -2.46 -12.26 -12.03
C TYR B 140 -1.38 -12.30 -10.94
N GLU B 141 -0.22 -11.69 -11.21
CA GLU B 141 0.91 -11.73 -10.31
C GLU B 141 1.11 -10.40 -9.59
N ILE B 142 0.23 -9.44 -9.85
CA ILE B 142 0.23 -8.07 -9.27
C ILE B 142 -0.97 -7.90 -8.34
N GLY B 143 -0.93 -6.95 -7.40
CA GLY B 143 -2.04 -6.76 -6.43
C GLY B 143 -3.19 -5.93 -6.93
#